data_3C52
#
_entry.id   3C52
#
_cell.length_a   39.242
_cell.length_b   85.305
_cell.length_c   90.818
_cell.angle_alpha   90.00
_cell.angle_beta   100.16
_cell.angle_gamma   90.00
#
_symmetry.space_group_name_H-M   'P 1 21 1'
#
loop_
_entity.id
_entity.type
_entity.pdbx_description
1 polymer 'Fructose-bisphosphate aldolase'
2 non-polymer 'ZINC ION'
3 non-polymer 'CALCIUM ION'
4 non-polymer 'SODIUM ION'
5 non-polymer 'PHOSPHOGLYCOLOHYDROXAMIC ACID'
6 water water
#
_entity_poly.entity_id   1
_entity_poly.type   'polypeptide(L)'
_entity_poly.pdbx_seq_one_letter_code
;MLVKGNEILLKAHKEGYGVGAFNFVNFEMLNAIFEAGNEENSPLFIQASEGAIKYMGIDMAVGMVKIMCERYPHIPVALH
LDHGTTFESCEKAVKAGFTSVMIDASHHAFEENLELTSKVVKMAHNAGVSVEAELGRLMGIEDNISVDEKDAVLVNPKEA
EQFVKESQVDYLAPAIGTSHGAFKFKGEPKLDFERLQEVKRLTNIPLVLHGASAIPDNVRKSYLDAGGDLKGSKGVPFEF
LQESVKGGINKVNTDTDLRIAFIAEVRKVANEDKSQFDLRKFFSPAQLALKNVVKERMKLLGSANKI
;
_entity_poly.pdbx_strand_id   A,B
#
# COMPACT_ATOMS: atom_id res chain seq x y z
N MET A 1 -2.56 19.74 -1.45
CA MET A 1 -3.04 20.71 -2.44
C MET A 1 -3.91 20.00 -3.44
N LEU A 2 -4.85 19.22 -2.92
CA LEU A 2 -5.82 18.52 -3.74
C LEU A 2 -6.87 19.53 -4.26
N VAL A 3 -7.05 19.57 -5.59
CA VAL A 3 -7.87 20.59 -6.23
C VAL A 3 -8.74 20.07 -7.38
N LYS A 4 -9.71 20.87 -7.80
CA LYS A 4 -10.61 20.45 -8.86
C LYS A 4 -9.83 19.90 -10.05
N GLY A 5 -10.47 19.00 -10.81
CA GLY A 5 -9.84 18.39 -11.97
C GLY A 5 -9.46 19.41 -13.02
N ASN A 6 -10.34 20.38 -13.26
CA ASN A 6 -10.07 21.30 -14.36
C ASN A 6 -9.35 22.60 -13.97
N GLU A 7 -9.04 22.78 -12.70
CA GLU A 7 -8.06 23.80 -12.34
C GLU A 7 -6.75 23.41 -13.02
N ILE A 8 -6.42 22.13 -12.91
CA ILE A 8 -5.23 21.59 -13.55
C ILE A 8 -5.39 21.60 -15.07
N LEU A 9 -6.54 21.10 -15.56
CA LEU A 9 -6.73 20.96 -17.01
C LEU A 9 -7.10 22.23 -17.79
N LEU A 10 -7.75 23.19 -17.14
CA LEU A 10 -7.98 24.48 -17.79
C LEU A 10 -6.63 25.12 -18.10
N LYS A 11 -5.75 25.10 -17.11
CA LYS A 11 -4.41 25.61 -17.30
C LYS A 11 -3.75 24.88 -18.48
N ALA A 12 -3.78 23.55 -18.44
CA ALA A 12 -3.16 22.75 -19.51
C ALA A 12 -3.75 23.03 -20.88
N HIS A 13 -5.02 23.45 -20.87
CA HIS A 13 -5.81 23.65 -22.08
C HIS A 13 -5.41 24.92 -22.82
N LYS A 14 -5.25 26.00 -22.07
CA LYS A 14 -4.89 27.30 -22.64
C LYS A 14 -3.42 27.43 -23.02
N GLU A 15 -2.54 26.81 -22.24
CA GLU A 15 -1.11 26.84 -22.55
C GLU A 15 -0.78 25.72 -23.53
N GLY A 16 -1.71 24.79 -23.67
CA GLY A 16 -1.55 23.72 -24.65
C GLY A 16 -0.49 22.69 -24.31
N TYR A 17 -0.56 22.10 -23.11
CA TYR A 17 0.25 20.91 -22.83
C TYR A 17 -0.58 19.76 -22.26
N GLY A 18 0.09 18.62 -22.05
CA GLY A 18 -0.59 17.46 -21.51
C GLY A 18 -0.26 17.16 -20.06
N VAL A 19 -1.26 16.66 -19.34
CA VAL A 19 -1.06 16.19 -17.95
C VAL A 19 -1.35 14.69 -17.89
N GLY A 20 -0.33 13.92 -17.51
CA GLY A 20 -0.46 12.50 -17.31
C GLY A 20 -1.49 12.20 -16.24
N ALA A 21 -2.39 11.25 -16.52
CA ALA A 21 -3.33 10.77 -15.53
C ALA A 21 -2.83 9.38 -15.19
N PHE A 22 -2.35 9.21 -13.97
CA PHE A 22 -1.69 7.98 -13.58
C PHE A 22 -2.52 7.20 -12.57
N ASN A 23 -2.79 5.95 -12.91
CA ASN A 23 -3.58 5.07 -12.06
C ASN A 23 -2.77 4.49 -10.94
N PHE A 24 -3.42 4.20 -9.81
CA PHE A 24 -2.76 3.49 -8.73
C PHE A 24 -3.71 2.51 -8.09
N VAL A 25 -3.14 1.47 -7.50
CA VAL A 25 -3.95 0.47 -6.80
C VAL A 25 -3.50 0.28 -5.34
N ASN A 26 -2.32 0.82 -4.99
CA ASN A 26 -1.84 0.78 -3.62
C ASN A 26 -0.85 1.87 -3.25
N PHE A 27 -0.23 1.72 -2.09
CA PHE A 27 0.70 2.74 -1.61
C PHE A 27 1.91 2.83 -2.51
N GLU A 28 2.45 1.69 -2.91
CA GLU A 28 3.67 1.71 -3.71
C GLU A 28 3.48 2.55 -4.96
N MET A 29 2.38 2.33 -5.68
CA MET A 29 2.15 3.09 -6.90
C MET A 29 1.98 4.56 -6.58
N LEU A 30 1.15 4.87 -5.59
CA LEU A 30 0.88 6.26 -5.23
C LEU A 30 2.17 6.99 -4.86
N ASN A 31 3.01 6.36 -4.04
CA ASN A 31 4.25 7.03 -3.62
C ASN A 31 5.16 7.37 -4.79
N ALA A 32 5.48 6.36 -5.62
CA ALA A 32 6.27 6.57 -6.82
C ALA A 32 5.75 7.72 -7.67
N ILE A 33 4.43 7.81 -7.82
CA ILE A 33 3.82 8.85 -8.64
C ILE A 33 4.07 10.23 -8.05
N PHE A 34 3.81 10.39 -6.76
CA PHE A 34 4.03 11.70 -6.13
C PHE A 34 5.51 12.12 -6.17
N GLU A 35 6.41 11.16 -6.01
CA GLU A 35 7.83 11.47 -6.06
C GLU A 35 8.22 11.94 -7.45
N ALA A 36 7.70 11.29 -8.49
CA ALA A 36 7.93 11.77 -9.84
C ALA A 36 7.47 13.22 -9.95
N GLY A 37 6.21 13.45 -9.58
CA GLY A 37 5.64 14.78 -9.65
C GLY A 37 6.49 15.80 -8.93
N ASN A 38 7.02 15.40 -7.78
CA ASN A 38 7.88 16.26 -7.00
C ASN A 38 9.23 16.50 -7.68
N GLU A 39 9.75 15.47 -8.32
CA GLU A 39 11.04 15.58 -8.97
C GLU A 39 10.98 16.35 -10.28
N GLU A 40 9.85 16.30 -10.97
CA GLU A 40 9.71 17.02 -12.23
C GLU A 40 8.94 18.33 -12.09
N ASN A 41 8.61 18.73 -10.87
CA ASN A 41 7.83 19.95 -10.64
C ASN A 41 6.65 19.97 -11.57
N SER A 42 5.83 18.92 -11.48
CA SER A 42 4.75 18.72 -12.42
C SER A 42 3.45 18.57 -11.66
N PRO A 43 2.35 19.09 -12.23
CA PRO A 43 1.02 18.82 -11.67
C PRO A 43 0.76 17.32 -11.77
N LEU A 44 -0.15 16.84 -10.95
CA LEU A 44 -0.44 15.42 -10.88
C LEU A 44 -1.93 15.20 -11.05
N PHE A 45 -2.29 14.27 -11.93
CA PHE A 45 -3.65 13.75 -11.96
C PHE A 45 -3.59 12.33 -11.44
N ILE A 46 -4.11 12.07 -10.25
CA ILE A 46 -4.13 10.71 -9.73
C ILE A 46 -5.46 10.09 -10.07
N GLN A 47 -5.47 8.91 -10.65
CA GLN A 47 -6.74 8.23 -10.85
C GLN A 47 -6.83 6.75 -10.44
N ALA A 48 -8.03 6.40 -9.96
CA ALA A 48 -8.35 5.05 -9.54
C ALA A 48 -9.62 4.58 -10.24
N SER A 49 -9.54 3.41 -10.85
CA SER A 49 -10.68 2.79 -11.51
C SER A 49 -11.64 2.27 -10.44
N GLU A 50 -12.82 1.80 -10.86
CA GLU A 50 -13.75 1.17 -9.93
C GLU A 50 -13.14 -0.10 -9.32
N GLY A 51 -12.41 -0.86 -10.12
CA GLY A 51 -11.73 -2.03 -9.64
C GLY A 51 -10.69 -1.70 -8.59
N ALA A 52 -9.93 -0.63 -8.82
CA ALA A 52 -8.92 -0.18 -7.88
C ALA A 52 -9.57 0.24 -6.56
N ILE A 53 -10.66 0.99 -6.65
CA ILE A 53 -11.38 1.42 -5.46
C ILE A 53 -11.92 0.23 -4.65
N LYS A 54 -12.52 -0.73 -5.33
CA LYS A 54 -13.02 -1.94 -4.70
C LYS A 54 -11.90 -2.64 -3.93
N TYR A 55 -10.73 -2.68 -4.55
CA TYR A 55 -9.60 -3.40 -4.06
C TYR A 55 -9.07 -2.77 -2.78
N MET A 56 -8.90 -1.45 -2.80
CA MET A 56 -8.31 -0.80 -1.63
C MET A 56 -9.34 -0.21 -0.65
N GLY A 57 -10.55 0.04 -1.13
CA GLY A 57 -11.56 0.70 -0.32
C GLY A 57 -11.45 2.18 -0.61
N ILE A 58 -12.58 2.82 -0.86
CA ILE A 58 -12.58 4.22 -1.26
C ILE A 58 -12.05 5.12 -0.16
N ASP A 59 -12.37 4.77 1.09
CA ASP A 59 -11.86 5.49 2.26
C ASP A 59 -10.32 5.51 2.31
N MET A 60 -9.72 4.41 1.88
CA MET A 60 -8.27 4.27 1.85
C MET A 60 -7.66 5.01 0.66
N ALA A 61 -8.27 4.87 -0.52
CA ALA A 61 -7.78 5.55 -1.70
C ALA A 61 -7.78 7.06 -1.50
N VAL A 62 -8.86 7.61 -0.97
CA VAL A 62 -8.90 9.04 -0.73
C VAL A 62 -8.05 9.41 0.47
N GLY A 63 -8.05 8.53 1.47
CA GLY A 63 -7.20 8.71 2.64
C GLY A 63 -5.70 8.77 2.35
N MET A 64 -5.21 7.85 1.53
CA MET A 64 -3.80 7.81 1.19
C MET A 64 -3.36 9.04 0.41
N VAL A 65 -4.18 9.44 -0.55
CA VAL A 65 -3.90 10.60 -1.37
C VAL A 65 -3.84 11.88 -0.55
N LYS A 66 -4.72 12.01 0.43
CA LYS A 66 -4.73 13.23 1.23
C LYS A 66 -3.49 13.26 2.15
N ILE A 67 -2.98 12.10 2.51
CA ILE A 67 -1.73 12.06 3.26
C ILE A 67 -0.54 12.43 2.37
N MET A 68 -0.52 11.96 1.12
CA MET A 68 0.54 12.37 0.19
C MET A 68 0.46 13.86 -0.10
N CYS A 69 -0.74 14.41 -0.09
CA CYS A 69 -0.88 15.84 -0.34
C CYS A 69 -0.21 16.67 0.75
N GLU A 70 -0.41 16.28 2.01
CA GLU A 70 0.21 16.98 3.14
C GLU A 70 1.74 16.91 3.08
N ARG A 71 2.23 15.84 2.47
CA ARG A 71 3.66 15.58 2.39
C ARG A 71 4.29 16.47 1.33
N TYR A 72 3.53 16.75 0.26
CA TYR A 72 3.99 17.58 -0.87
C TYR A 72 2.98 18.67 -1.15
N PRO A 73 2.78 19.58 -0.19
CA PRO A 73 1.64 20.51 -0.21
C PRO A 73 1.71 21.49 -1.35
N HIS A 74 2.74 21.37 -2.18
CA HIS A 74 3.01 22.36 -3.21
C HIS A 74 2.69 21.84 -4.60
N ILE A 75 2.25 20.59 -4.68
CA ILE A 75 1.93 20.00 -5.99
C ILE A 75 0.42 20.06 -6.21
N PRO A 76 -0.02 20.60 -7.36
CA PRO A 76 -1.46 20.55 -7.60
C PRO A 76 -1.86 19.12 -7.96
N VAL A 77 -2.74 18.51 -7.17
CA VAL A 77 -3.21 17.15 -7.42
C VAL A 77 -4.74 17.07 -7.57
N ALA A 78 -5.20 16.46 -8.65
CA ALA A 78 -6.61 16.11 -8.79
C ALA A 78 -6.77 14.61 -8.60
N LEU A 79 -7.81 14.20 -7.86
CA LEU A 79 -8.08 12.78 -7.63
C LEU A 79 -9.32 12.39 -8.40
N HIS A 80 -9.13 11.48 -9.35
CA HIS A 80 -10.04 11.26 -10.44
C HIS A 80 -10.56 9.82 -10.53
N LEU A 81 -11.88 9.69 -10.60
CA LEU A 81 -12.54 8.40 -10.81
C LEU A 81 -12.47 8.03 -12.28
N ASP A 82 -11.83 6.92 -12.55
CA ASP A 82 -11.53 6.50 -13.89
C ASP A 82 -12.57 5.48 -14.31
N HIS A 83 -13.19 5.73 -15.46
CA HIS A 83 -14.30 4.90 -15.96
C HIS A 83 -15.39 4.60 -14.91
N GLY A 84 -16.03 5.64 -14.42
CA GLY A 84 -17.21 5.46 -13.59
C GLY A 84 -18.22 4.77 -14.49
N THR A 85 -18.99 3.84 -13.95
CA THR A 85 -19.92 3.06 -14.76
C THR A 85 -21.39 3.44 -14.55
N THR A 86 -21.67 4.12 -13.45
CA THR A 86 -23.03 4.46 -13.07
C THR A 86 -23.02 5.76 -12.31
N PHE A 87 -24.19 6.37 -12.19
CA PHE A 87 -24.37 7.60 -11.44
C PHE A 87 -23.98 7.41 -9.98
N GLU A 88 -24.43 6.32 -9.39
CA GLU A 88 -24.20 6.09 -7.96
C GLU A 88 -22.73 5.90 -7.65
N SER A 89 -21.97 5.41 -8.63
CA SER A 89 -20.53 5.25 -8.48
C SER A 89 -19.86 6.62 -8.42
N CYS A 90 -20.13 7.43 -9.45
CA CYS A 90 -19.67 8.81 -9.47
C CYS A 90 -20.05 9.52 -8.19
N GLU A 91 -21.30 9.39 -7.79
CA GLU A 91 -21.78 10.00 -6.55
C GLU A 91 -21.03 9.54 -5.28
N LYS A 92 -20.72 8.26 -5.16
CA LYS A 92 -19.96 7.80 -3.99
C LYS A 92 -18.57 8.44 -3.98
N ALA A 93 -17.95 8.45 -5.16
CA ALA A 93 -16.65 9.10 -5.38
C ALA A 93 -16.75 10.54 -4.93
N VAL A 94 -17.71 11.29 -5.48
CA VAL A 94 -17.92 12.65 -5.01
C VAL A 94 -18.03 12.76 -3.48
N LYS A 95 -18.83 11.92 -2.84
CA LYS A 95 -18.94 12.00 -1.37
C LYS A 95 -17.65 11.63 -0.65
N ALA A 96 -16.83 10.77 -1.24
CA ALA A 96 -15.61 10.34 -0.54
C ALA A 96 -14.47 11.37 -0.62
N GLY A 97 -14.60 12.34 -1.51
CA GLY A 97 -13.63 13.40 -1.64
C GLY A 97 -12.90 13.53 -2.97
N PHE A 98 -13.29 12.73 -3.96
CA PHE A 98 -12.71 12.88 -5.30
C PHE A 98 -13.02 14.26 -5.83
N THR A 99 -12.14 14.79 -6.65
CA THR A 99 -12.35 16.12 -7.20
C THR A 99 -12.59 16.06 -8.71
N SER A 100 -12.54 14.86 -9.25
CA SER A 100 -12.87 14.65 -10.66
C SER A 100 -13.50 13.26 -10.81
N VAL A 101 -14.43 13.14 -11.74
CA VAL A 101 -15.05 11.84 -11.99
C VAL A 101 -15.24 11.64 -13.47
N MET A 102 -15.06 10.42 -13.94
CA MET A 102 -15.42 10.16 -15.33
C MET A 102 -16.66 9.30 -15.34
N ILE A 103 -17.64 9.69 -16.14
CA ILE A 103 -18.81 8.86 -16.33
C ILE A 103 -18.77 8.30 -17.75
N ASP A 104 -18.48 7.01 -17.83
CA ASP A 104 -18.29 6.37 -19.11
C ASP A 104 -19.57 5.65 -19.56
N ALA A 105 -20.31 6.31 -20.46
CA ALA A 105 -21.50 5.73 -21.06
C ALA A 105 -21.35 5.72 -22.57
N SER A 106 -20.11 5.53 -23.03
CA SER A 106 -19.81 5.65 -24.45
C SER A 106 -20.25 4.42 -25.23
N HIS A 107 -20.80 3.44 -24.51
CA HIS A 107 -21.31 2.23 -25.13
C HIS A 107 -22.80 2.39 -25.42
N HIS A 108 -23.40 3.39 -24.77
CA HIS A 108 -24.79 3.76 -25.00
C HIS A 108 -24.94 4.57 -26.27
N ALA A 109 -26.15 4.64 -26.78
CA ALA A 109 -26.44 5.55 -27.88
C ALA A 109 -26.26 6.98 -27.38
N PHE A 110 -25.93 7.86 -28.30
CA PHE A 110 -25.73 9.27 -28.01
C PHE A 110 -26.67 9.85 -26.95
N GLU A 111 -27.96 9.62 -27.11
CA GLU A 111 -28.94 10.24 -26.22
C GLU A 111 -28.85 9.68 -24.80
N GLU A 112 -28.62 8.38 -24.66
CA GLU A 112 -28.50 7.85 -23.30
C GLU A 112 -27.18 8.36 -22.67
N ASN A 113 -26.09 8.26 -23.41
CA ASN A 113 -24.81 8.86 -22.98
C ASN A 113 -25.06 10.26 -22.42
N LEU A 114 -25.55 11.15 -23.28
CA LEU A 114 -25.83 12.53 -22.90
C LEU A 114 -26.69 12.60 -21.66
N GLU A 115 -27.73 11.79 -21.63
CA GLU A 115 -28.70 11.84 -20.53
C GLU A 115 -28.09 11.50 -19.19
N LEU A 116 -27.29 10.42 -19.14
CA LEU A 116 -26.57 10.04 -17.92
C LEU A 116 -25.38 11.00 -17.59
N THR A 117 -24.59 11.34 -18.59
CA THR A 117 -23.52 12.32 -18.39
C THR A 117 -24.10 13.56 -17.73
N SER A 118 -25.26 14.03 -18.21
CA SER A 118 -25.81 15.30 -17.74
C SER A 118 -26.31 15.18 -16.31
N LYS A 119 -26.76 13.99 -15.96
CA LYS A 119 -27.22 13.71 -14.61
C LYS A 119 -26.02 13.77 -13.67
N VAL A 120 -24.90 13.24 -14.16
CA VAL A 120 -23.68 13.22 -13.36
C VAL A 120 -23.13 14.64 -13.23
N VAL A 121 -23.02 15.35 -14.35
CA VAL A 121 -22.51 16.72 -14.34
C VAL A 121 -23.22 17.58 -13.29
N LYS A 122 -24.52 17.44 -13.19
CA LYS A 122 -25.29 18.28 -12.28
C LYS A 122 -25.02 18.03 -10.79
N MET A 123 -24.97 16.77 -10.35
CA MET A 123 -24.61 16.57 -8.94
C MET A 123 -23.12 16.82 -8.72
N ALA A 124 -22.30 16.53 -9.73
CA ALA A 124 -20.87 16.77 -9.62
C ALA A 124 -20.60 18.25 -9.43
N HIS A 125 -20.95 19.04 -10.44
CA HIS A 125 -20.80 20.49 -10.40
C HIS A 125 -21.40 21.11 -9.15
N ASN A 126 -22.54 20.59 -8.71
CA ASN A 126 -23.14 21.14 -7.52
C ASN A 126 -22.24 21.00 -6.29
N ALA A 127 -21.31 20.05 -6.33
CA ALA A 127 -20.49 19.72 -5.17
C ALA A 127 -19.06 20.23 -5.31
N GLY A 128 -18.79 20.87 -6.44
CA GLY A 128 -17.49 21.45 -6.72
C GLY A 128 -16.55 20.45 -7.36
N VAL A 129 -17.09 19.56 -8.17
CA VAL A 129 -16.31 18.48 -8.78
C VAL A 129 -16.45 18.51 -10.30
N SER A 130 -15.34 18.34 -11.02
CA SER A 130 -15.35 18.33 -12.48
C SER A 130 -15.69 16.94 -12.96
N VAL A 131 -16.04 16.84 -14.24
CA VAL A 131 -16.51 15.59 -14.80
C VAL A 131 -15.98 15.34 -16.19
N GLU A 132 -15.60 14.10 -16.44
CA GLU A 132 -15.23 13.65 -17.77
C GLU A 132 -16.34 12.76 -18.36
N ALA A 133 -16.45 12.71 -19.68
CA ALA A 133 -17.34 11.77 -20.34
C ALA A 133 -16.59 11.26 -21.54
N GLU A 134 -17.14 10.28 -22.26
CA GLU A 134 -16.54 9.74 -23.48
C GLU A 134 -17.51 9.71 -24.64
N LEU A 135 -16.98 9.90 -25.84
CA LEU A 135 -17.75 9.77 -27.07
C LEU A 135 -16.99 8.91 -28.07
N GLY A 136 -17.70 7.97 -28.70
CA GLY A 136 -17.05 6.94 -29.49
C GLY A 136 -16.57 5.87 -28.54
N ARG A 137 -16.04 4.77 -29.07
CA ARG A 137 -15.51 3.72 -28.20
C ARG A 137 -14.09 3.27 -28.54
N LEU A 138 -13.42 2.73 -27.52
CA LEU A 138 -11.98 2.50 -27.59
C LEU A 138 -11.55 1.23 -28.32
N MET A 139 -11.57 1.32 -29.65
CA MET A 139 -10.87 0.39 -30.50
C MET A 139 -10.37 1.23 -31.67
N GLY A 140 -9.46 0.68 -32.48
CA GLY A 140 -8.84 1.48 -33.52
C GLY A 140 -9.22 1.12 -34.94
N ILE A 141 -8.90 1.99 -35.86
CA ILE A 141 -8.98 1.76 -37.30
C ILE A 141 -8.12 2.76 -38.08
N VAL A 153 -17.71 3.46 -33.37
CA VAL A 153 -16.28 3.52 -33.12
C VAL A 153 -15.81 4.95 -32.90
N LEU A 154 -15.05 5.48 -33.85
CA LEU A 154 -14.43 6.80 -33.72
C LEU A 154 -15.45 7.92 -33.48
N VAL A 155 -15.10 8.85 -32.61
CA VAL A 155 -15.96 9.98 -32.27
C VAL A 155 -16.39 10.75 -33.51
N ASN A 156 -17.51 11.46 -33.41
CA ASN A 156 -17.92 12.39 -34.45
C ASN A 156 -17.96 13.80 -33.88
N PRO A 157 -17.21 14.71 -34.51
CA PRO A 157 -17.04 16.08 -34.04
C PRO A 157 -18.36 16.78 -33.76
N LYS A 158 -19.26 16.76 -34.73
CA LYS A 158 -20.47 17.54 -34.63
C LYS A 158 -21.28 17.13 -33.42
N GLU A 159 -21.42 15.84 -33.18
CA GLU A 159 -22.15 15.43 -32.00
C GLU A 159 -21.37 15.72 -30.71
N ALA A 160 -20.05 15.78 -30.80
CA ALA A 160 -19.25 16.16 -29.64
C ALA A 160 -19.51 17.62 -29.29
N GLU A 161 -19.49 18.47 -30.32
CA GLU A 161 -19.89 19.87 -30.18
C GLU A 161 -21.19 19.91 -29.37
N GLN A 162 -22.24 19.30 -29.92
CA GLN A 162 -23.55 19.20 -29.26
C GLN A 162 -23.52 18.51 -27.89
N PHE A 163 -22.92 17.33 -27.83
CA PHE A 163 -22.82 16.57 -26.58
C PHE A 163 -22.24 17.43 -25.47
N VAL A 164 -21.16 18.14 -25.79
CA VAL A 164 -20.45 18.99 -24.83
C VAL A 164 -21.31 20.16 -24.35
N LYS A 165 -21.95 20.84 -25.29
CA LYS A 165 -22.79 21.98 -24.95
C LYS A 165 -23.96 21.57 -24.07
N GLU A 166 -24.69 20.55 -24.50
CA GLU A 166 -25.86 20.14 -23.74
C GLU A 166 -25.53 19.64 -22.33
N SER A 167 -24.50 18.81 -22.20
CA SER A 167 -24.18 18.25 -20.89
C SER A 167 -23.50 19.24 -19.96
N GLN A 168 -22.67 20.13 -20.52
CA GLN A 168 -21.93 21.12 -19.74
C GLN A 168 -20.76 20.43 -19.04
N VAL A 169 -20.15 19.48 -19.75
CA VAL A 169 -19.12 18.63 -19.18
C VAL A 169 -17.76 19.33 -19.27
N ASP A 170 -16.93 19.16 -18.26
CA ASP A 170 -15.67 19.89 -18.17
C ASP A 170 -14.60 19.40 -19.16
N TYR A 171 -14.46 18.09 -19.33
CA TYR A 171 -13.56 17.51 -20.33
C TYR A 171 -14.13 16.30 -21.02
N LEU A 172 -13.60 15.98 -22.19
CA LEU A 172 -14.17 14.95 -23.04
C LEU A 172 -13.11 13.99 -23.55
N ALA A 173 -13.46 12.71 -23.61
CA ALA A 173 -12.55 11.69 -24.14
C ALA A 173 -12.99 11.18 -25.51
N PRO A 174 -12.62 11.89 -26.57
CA PRO A 174 -12.99 11.48 -27.93
C PRO A 174 -12.15 10.30 -28.37
N ALA A 175 -12.77 9.20 -28.77
CA ALA A 175 -12.03 8.09 -29.35
C ALA A 175 -11.47 8.51 -30.71
N ILE A 176 -10.16 8.33 -30.90
CA ILE A 176 -9.52 8.63 -32.18
C ILE A 176 -8.64 7.45 -32.61
N GLY A 177 -8.74 6.32 -31.90
CA GLY A 177 -8.07 5.11 -32.35
C GLY A 177 -7.17 4.42 -31.34
N THR A 178 -7.22 4.84 -30.07
CA THR A 178 -6.52 4.12 -29.02
C THR A 178 -7.44 3.11 -28.34
N SER A 179 -6.83 2.14 -27.64
CA SER A 179 -7.56 1.20 -26.79
C SER A 179 -6.70 0.88 -25.60
N HIS A 180 -7.32 0.43 -24.51
CA HIS A 180 -6.60 0.09 -23.29
C HIS A 180 -5.72 -1.15 -23.45
N GLY A 181 -4.71 -1.28 -22.59
CA GLY A 181 -3.87 -2.47 -22.60
C GLY A 181 -2.61 -2.42 -23.45
N ALA A 182 -1.81 -3.48 -23.35
CA ALA A 182 -0.49 -3.54 -23.97
C ALA A 182 -0.52 -3.79 -25.48
N PHE A 183 -1.69 -4.11 -26.01
CA PHE A 183 -1.79 -4.45 -27.43
C PHE A 183 -2.78 -3.55 -28.16
N LYS A 184 -2.36 -2.32 -28.46
CA LYS A 184 -3.25 -1.29 -28.99
C LYS A 184 -3.38 -1.31 -30.52
N PHE A 185 -2.26 -1.49 -31.21
CA PHE A 185 -2.26 -1.50 -32.67
C PHE A 185 -1.82 -2.85 -33.23
N LYS A 186 -2.66 -3.40 -34.11
CA LYS A 186 -2.28 -4.58 -34.87
C LYS A 186 -1.58 -4.16 -36.16
N GLY A 187 -2.04 -3.05 -36.74
CA GLY A 187 -1.35 -2.47 -37.87
C GLY A 187 -0.43 -1.32 -37.48
N GLU A 188 -0.01 -0.54 -38.45
CA GLU A 188 0.73 0.69 -38.20
C GLU A 188 -0.05 1.54 -37.22
N PRO A 189 0.64 2.13 -36.23
CA PRO A 189 -0.03 3.10 -35.36
C PRO A 189 -0.79 4.12 -36.20
N LYS A 190 -2.09 4.18 -36.00
CA LYS A 190 -2.93 5.15 -36.68
C LYS A 190 -3.78 5.87 -35.65
N LEU A 191 -3.73 7.19 -35.66
CA LEU A 191 -4.64 8.01 -34.86
C LEU A 191 -5.14 9.17 -35.72
N ASP A 192 -6.45 9.38 -35.72
CA ASP A 192 -7.05 10.42 -36.54
C ASP A 192 -6.86 11.79 -35.91
N PHE A 193 -5.78 12.46 -36.26
CA PHE A 193 -5.49 13.76 -35.68
C PHE A 193 -6.46 14.84 -36.17
N GLU A 194 -6.78 14.80 -37.46
CA GLU A 194 -7.79 15.69 -38.04
C GLU A 194 -9.09 15.64 -37.24
N ARG A 195 -9.57 14.44 -36.96
CA ARG A 195 -10.73 14.29 -36.09
C ARG A 195 -10.49 14.99 -34.76
N LEU A 196 -9.33 14.74 -34.15
CA LEU A 196 -8.96 15.35 -32.88
C LEU A 196 -9.11 16.85 -32.99
N GLN A 197 -8.47 17.42 -34.01
CA GLN A 197 -8.48 18.87 -34.21
C GLN A 197 -9.88 19.45 -34.35
N GLU A 198 -10.69 18.85 -35.20
CA GLU A 198 -12.07 19.28 -35.36
C GLU A 198 -12.80 19.31 -34.01
N VAL A 199 -12.70 18.23 -33.24
CA VAL A 199 -13.30 18.19 -31.92
C VAL A 199 -12.78 19.27 -30.96
N LYS A 200 -11.46 19.47 -30.96
CA LYS A 200 -10.86 20.50 -30.11
C LYS A 200 -11.45 21.85 -30.51
N ARG A 201 -11.54 22.04 -31.82
CA ARG A 201 -11.99 23.28 -32.41
C ARG A 201 -13.44 23.58 -32.09
N LEU A 202 -14.29 22.56 -32.21
CA LEU A 202 -15.73 22.73 -32.04
C LEU A 202 -16.12 22.84 -30.58
N THR A 203 -15.39 22.14 -29.71
CA THR A 203 -15.75 22.08 -28.30
C THR A 203 -14.95 23.07 -27.44
N ASN A 204 -13.70 23.34 -27.82
CA ASN A 204 -12.87 24.26 -27.03
C ASN A 204 -12.87 23.95 -25.53
N ILE A 205 -12.68 22.67 -25.19
CA ILE A 205 -12.41 22.26 -23.78
C ILE A 205 -11.23 21.30 -23.74
N PRO A 206 -10.72 21.02 -22.52
CA PRO A 206 -9.69 19.98 -22.38
C PRO A 206 -10.13 18.63 -22.95
N LEU A 207 -9.30 18.02 -23.79
CA LEU A 207 -9.58 16.67 -24.28
C LEU A 207 -8.76 15.60 -23.53
N VAL A 208 -9.29 14.38 -23.48
CA VAL A 208 -8.65 13.29 -22.74
C VAL A 208 -8.26 12.15 -23.68
N LEU A 209 -7.04 11.63 -23.52
CA LEU A 209 -6.66 10.49 -24.34
C LEU A 209 -6.57 9.23 -23.49
N HIS A 210 -7.46 8.28 -23.75
CA HIS A 210 -7.44 7.00 -23.07
C HIS A 210 -6.57 6.04 -23.83
N GLY A 211 -6.18 4.97 -23.14
CA GLY A 211 -5.35 3.94 -23.74
C GLY A 211 -4.06 4.51 -24.28
N ALA A 212 -3.48 5.43 -23.51
CA ALA A 212 -2.32 6.22 -23.95
C ALA A 212 -0.95 5.73 -23.50
N SER A 213 -0.86 4.50 -23.00
CA SER A 213 0.46 3.98 -22.65
C SER A 213 1.29 3.85 -23.91
N ALA A 214 2.61 3.94 -23.74
CA ALA A 214 3.53 4.03 -24.85
C ALA A 214 4.24 2.70 -25.06
N ILE A 215 4.46 2.00 -23.95
CA ILE A 215 5.24 0.76 -23.87
C ILE A 215 6.69 0.94 -24.31
N PRO A 216 7.41 1.84 -23.63
CA PRO A 216 8.80 2.16 -23.99
C PRO A 216 9.66 0.90 -24.16
N ASP A 217 10.69 0.98 -25.01
CA ASP A 217 11.54 -0.17 -25.28
C ASP A 217 12.31 -0.65 -24.05
N ASN A 218 12.71 0.27 -23.17
CA ASN A 218 13.39 -0.11 -21.94
C ASN A 218 12.45 -0.78 -20.95
N VAL A 219 11.21 -0.32 -20.93
CA VAL A 219 10.21 -0.90 -20.04
C VAL A 219 9.89 -2.33 -20.49
N ARG A 220 9.72 -2.52 -21.79
CA ARG A 220 9.48 -3.84 -22.35
C ARG A 220 10.69 -4.74 -22.13
N LYS A 221 11.86 -4.24 -22.49
CA LYS A 221 13.09 -4.99 -22.34
C LYS A 221 13.23 -5.42 -20.89
N SER A 222 12.94 -4.50 -19.98
CA SER A 222 13.05 -4.79 -18.56
C SER A 222 12.11 -5.92 -18.15
N TYR A 223 10.92 -5.93 -18.73
CA TYR A 223 9.93 -6.95 -18.42
C TYR A 223 10.35 -8.29 -19.02
N LEU A 224 10.84 -8.25 -20.25
CA LEU A 224 11.21 -9.47 -20.96
C LEU A 224 12.46 -10.11 -20.37
N ASP A 225 13.41 -9.28 -19.95
CA ASP A 225 14.61 -9.76 -19.26
C ASP A 225 14.27 -10.53 -17.99
N ALA A 226 13.14 -10.19 -17.39
CA ALA A 226 12.74 -10.75 -16.10
C ALA A 226 11.86 -11.99 -16.23
N GLY A 227 11.64 -12.47 -17.46
CA GLY A 227 10.84 -13.66 -17.68
C GLY A 227 9.44 -13.39 -18.21
N GLY A 228 9.05 -12.12 -18.21
CA GLY A 228 7.73 -11.75 -18.68
C GLY A 228 7.46 -12.16 -20.12
N ASP A 229 6.19 -12.07 -20.50
CA ASP A 229 5.76 -12.37 -21.87
C ASP A 229 4.91 -11.22 -22.40
N LEU A 230 5.39 -10.58 -23.46
CA LEU A 230 4.72 -9.43 -24.06
C LEU A 230 4.77 -9.52 -25.57
N LYS A 231 4.52 -10.69 -26.11
CA LYS A 231 4.50 -10.86 -27.57
C LYS A 231 3.37 -10.05 -28.16
N GLY A 232 3.70 -9.23 -29.16
CA GLY A 232 2.71 -8.49 -29.92
C GLY A 232 2.25 -7.18 -29.30
N SER A 233 2.91 -6.79 -28.21
CA SER A 233 2.52 -5.60 -27.46
C SER A 233 2.95 -4.32 -28.19
N LYS A 234 2.11 -3.31 -28.14
CA LYS A 234 2.39 -2.07 -28.86
C LYS A 234 1.54 -0.93 -28.37
N GLY A 235 2.17 0.02 -27.68
CA GLY A 235 1.47 1.20 -27.21
C GLY A 235 1.53 2.34 -28.21
N VAL A 236 1.06 3.50 -27.79
CA VAL A 236 1.18 4.72 -28.57
C VAL A 236 2.63 5.23 -28.58
N PRO A 237 3.18 5.48 -29.77
CA PRO A 237 4.55 6.00 -29.89
C PRO A 237 4.67 7.39 -29.26
N PHE A 238 5.83 7.72 -28.72
CA PHE A 238 6.03 9.04 -28.10
C PHE A 238 5.63 10.15 -29.06
N GLU A 239 5.96 9.94 -30.34
CA GLU A 239 5.62 10.89 -31.39
C GLU A 239 4.11 11.14 -31.44
N PHE A 240 3.32 10.07 -31.47
CA PHE A 240 1.88 10.19 -31.45
C PHE A 240 1.40 10.84 -30.16
N LEU A 241 2.05 10.53 -29.04
CA LEU A 241 1.67 11.16 -27.79
C LEU A 241 1.89 12.66 -27.92
N GLN A 242 3.05 13.04 -28.46
CA GLN A 242 3.37 14.45 -28.70
C GLN A 242 2.39 15.13 -29.66
N GLU A 243 2.10 14.47 -30.78
CA GLU A 243 1.19 15.05 -31.76
C GLU A 243 -0.22 15.21 -31.17
N SER A 244 -0.58 14.30 -30.28
CA SER A 244 -1.89 14.31 -29.65
C SER A 244 -2.10 15.57 -28.84
N VAL A 245 -1.03 15.97 -28.15
CA VAL A 245 -1.05 17.19 -27.35
C VAL A 245 -1.09 18.44 -28.22
N LYS A 246 -0.45 18.38 -29.38
CA LYS A 246 -0.55 19.47 -30.34
C LYS A 246 -1.98 19.59 -30.80
N GLY A 247 -2.66 18.44 -30.87
CA GLY A 247 -4.03 18.38 -31.35
C GLY A 247 -5.01 18.91 -30.31
N GLY A 248 -4.55 18.99 -29.06
CA GLY A 248 -5.37 19.57 -28.00
C GLY A 248 -5.73 18.62 -26.87
N ILE A 249 -5.15 17.41 -26.88
CA ILE A 249 -5.29 16.46 -25.77
C ILE A 249 -4.60 17.03 -24.53
N ASN A 250 -5.31 17.17 -23.42
CA ASN A 250 -4.69 17.74 -22.22
C ASN A 250 -4.52 16.76 -21.03
N LYS A 251 -5.18 15.62 -21.14
CA LYS A 251 -5.15 14.58 -20.10
C LYS A 251 -4.82 13.28 -20.82
N VAL A 252 -3.72 12.65 -20.40
CA VAL A 252 -3.22 11.45 -21.05
C VAL A 252 -3.21 10.28 -20.07
N ASN A 253 -4.21 9.41 -20.18
CA ASN A 253 -4.36 8.30 -19.24
C ASN A 253 -3.28 7.25 -19.41
N THR A 254 -2.58 6.95 -18.32
CA THR A 254 -1.42 6.09 -18.36
C THR A 254 -1.48 5.09 -17.22
N ASP A 255 -1.50 3.80 -17.53
CA ASP A 255 -1.64 2.79 -16.50
C ASP A 255 -0.77 1.56 -16.79
N THR A 256 -1.03 0.91 -17.93
CA THR A 256 -0.27 -0.25 -18.35
C THR A 256 1.26 -0.08 -18.22
N ASP A 257 1.74 1.10 -18.59
CA ASP A 257 3.19 1.37 -18.54
C ASP A 257 3.74 1.24 -17.12
N LEU A 258 2.99 1.76 -16.15
CA LEU A 258 3.37 1.73 -14.75
C LEU A 258 3.45 0.29 -14.22
N ARG A 259 2.39 -0.47 -14.50
CA ARG A 259 2.26 -1.86 -14.05
C ARG A 259 3.36 -2.77 -14.60
N ILE A 260 3.64 -2.64 -15.89
CA ILE A 260 4.73 -3.40 -16.51
C ILE A 260 6.07 -3.05 -15.90
N ALA A 261 6.36 -1.77 -15.74
CA ALA A 261 7.62 -1.36 -15.14
C ALA A 261 7.74 -1.88 -13.71
N PHE A 262 6.62 -1.86 -13.00
CA PHE A 262 6.59 -2.25 -11.59
C PHE A 262 6.83 -3.75 -11.41
N ILE A 263 6.02 -4.54 -12.10
CA ILE A 263 6.10 -5.99 -12.06
C ILE A 263 7.41 -6.49 -12.65
N ALA A 264 7.96 -5.74 -13.58
CA ALA A 264 9.27 -6.09 -14.15
C ALA A 264 10.28 -6.30 -13.04
N GLU A 265 10.35 -5.35 -12.13
CA GLU A 265 11.33 -5.41 -11.04
C GLU A 265 10.95 -6.46 -9.99
N VAL A 266 9.67 -6.67 -9.78
CA VAL A 266 9.23 -7.73 -8.89
C VAL A 266 9.66 -9.06 -9.47
N ARG A 267 9.41 -9.26 -10.76
CA ARG A 267 9.79 -10.51 -11.41
C ARG A 267 11.30 -10.74 -11.31
N LYS A 268 12.06 -9.69 -11.61
CA LYS A 268 13.52 -9.71 -11.49
C LYS A 268 14.00 -10.17 -10.10
N VAL A 269 13.69 -9.38 -9.07
CA VAL A 269 14.05 -9.72 -7.70
C VAL A 269 13.70 -11.17 -7.33
N ALA A 270 12.51 -11.59 -7.70
CA ALA A 270 12.06 -12.95 -7.42
C ALA A 270 13.03 -13.92 -8.05
N ASN A 271 13.42 -13.62 -9.30
CA ASN A 271 14.29 -14.48 -10.08
C ASN A 271 15.70 -14.59 -9.51
N GLU A 272 16.30 -13.45 -9.22
CA GLU A 272 17.72 -13.41 -8.90
C GLU A 272 18.03 -13.74 -7.45
N ASP A 273 16.99 -14.01 -6.66
CA ASP A 273 17.19 -14.34 -5.24
C ASP A 273 16.00 -15.09 -4.65
N LYS A 274 16.09 -16.41 -4.66
CA LYS A 274 15.03 -17.29 -4.17
C LYS A 274 14.82 -17.26 -2.64
N SER A 275 15.78 -16.75 -1.89
CA SER A 275 15.60 -16.67 -0.44
C SER A 275 15.09 -15.29 -0.06
N GLN A 276 14.74 -14.48 -1.06
CA GLN A 276 14.27 -13.13 -0.77
C GLN A 276 12.77 -13.08 -0.55
N PHE A 277 12.38 -12.64 0.64
CA PHE A 277 10.99 -12.45 0.99
C PHE A 277 10.76 -11.19 1.83
N ASP A 278 11.74 -10.29 1.86
CA ASP A 278 11.52 -8.97 2.41
C ASP A 278 10.82 -8.11 1.36
N LEU A 279 9.55 -7.80 1.62
CA LEU A 279 8.70 -7.04 0.70
C LEU A 279 9.38 -5.79 0.19
N ARG A 280 10.05 -5.06 1.07
CA ARG A 280 10.72 -3.82 0.69
C ARG A 280 11.75 -4.03 -0.42
N LYS A 281 12.40 -5.20 -0.42
CA LYS A 281 13.39 -5.53 -1.45
C LYS A 281 12.73 -5.71 -2.79
N PHE A 282 11.46 -6.10 -2.78
CA PHE A 282 10.70 -6.28 -4.00
C PHE A 282 10.15 -4.96 -4.52
N PHE A 283 9.70 -4.10 -3.62
CA PHE A 283 8.94 -2.92 -4.07
C PHE A 283 9.73 -1.62 -4.14
N SER A 284 10.94 -1.60 -3.59
CA SER A 284 11.80 -0.44 -3.74
C SER A 284 12.31 -0.26 -5.18
N PRO A 285 12.81 -1.34 -5.81
CA PRO A 285 13.17 -1.15 -7.23
C PRO A 285 11.94 -0.96 -8.12
N ALA A 286 10.84 -1.59 -7.75
CA ALA A 286 9.60 -1.46 -8.52
C ALA A 286 9.10 -0.01 -8.52
N GLN A 287 9.12 0.61 -7.33
CA GLN A 287 8.78 2.02 -7.19
C GLN A 287 9.70 2.91 -8.02
N LEU A 288 11.00 2.61 -8.00
CA LEU A 288 11.95 3.40 -8.76
C LEU A 288 11.62 3.34 -10.24
N ALA A 289 11.32 2.15 -10.73
CA ALA A 289 11.15 1.96 -12.16
C ALA A 289 9.87 2.69 -12.62
N LEU A 290 8.81 2.55 -11.84
CA LEU A 290 7.56 3.26 -12.09
C LEU A 290 7.77 4.78 -12.10
N LYS A 291 8.42 5.27 -11.08
CA LYS A 291 8.71 6.69 -10.92
C LYS A 291 9.43 7.25 -12.12
N ASN A 292 10.36 6.48 -12.68
CA ASN A 292 11.10 6.90 -13.87
C ASN A 292 10.23 6.93 -15.13
N VAL A 293 9.30 5.97 -15.24
CA VAL A 293 8.36 6.01 -16.37
C VAL A 293 7.54 7.28 -16.25
N VAL A 294 7.06 7.57 -15.06
CA VAL A 294 6.27 8.78 -14.83
C VAL A 294 7.06 10.08 -15.06
N LYS A 295 8.32 10.14 -14.61
CA LYS A 295 9.07 11.36 -14.79
C LYS A 295 9.31 11.64 -16.27
N GLU A 296 9.68 10.61 -17.02
CA GLU A 296 9.88 10.74 -18.46
C GLU A 296 8.59 11.13 -19.19
N ARG A 297 7.46 10.58 -18.75
CA ARG A 297 6.20 10.90 -19.40
C ARG A 297 5.79 12.34 -19.11
N MET A 298 6.13 12.84 -17.92
CA MET A 298 5.77 14.21 -17.57
C MET A 298 6.54 15.22 -18.45
N LYS A 299 7.76 14.87 -18.82
CA LYS A 299 8.58 15.69 -19.68
C LYS A 299 8.10 15.64 -21.12
N LEU A 300 7.78 14.43 -21.56
CA LEU A 300 7.29 14.20 -22.91
C LEU A 300 6.09 15.07 -23.18
N LEU A 301 5.16 15.08 -22.23
CA LEU A 301 3.84 15.67 -22.44
C LEU A 301 3.83 17.17 -22.20
N GLY A 302 4.89 17.67 -21.57
CA GLY A 302 5.02 19.08 -21.26
C GLY A 302 4.62 19.50 -19.86
N SER A 303 4.34 18.52 -18.98
CA SER A 303 3.91 18.78 -17.60
C SER A 303 5.02 19.29 -16.72
N ALA A 304 6.24 18.83 -17.00
CA ALA A 304 7.37 19.15 -16.14
C ALA A 304 7.53 20.65 -15.99
N ASN A 305 7.85 21.07 -14.77
CA ASN A 305 8.17 22.46 -14.47
C ASN A 305 6.99 23.39 -14.61
N LYS A 306 5.79 22.83 -14.49
CA LYS A 306 4.58 23.61 -14.67
C LYS A 306 4.01 24.02 -13.32
N ILE A 307 4.57 23.49 -12.26
CA ILE A 307 4.17 23.92 -10.93
C ILE A 307 4.53 25.39 -10.75
N MET B 1 -10.90 0.93 17.43
CA MET B 1 -10.18 2.19 17.54
C MET B 1 -8.80 2.02 18.21
N LEU B 2 -7.92 2.99 17.95
CA LEU B 2 -6.60 3.05 18.58
C LEU B 2 -6.70 3.18 20.11
N VAL B 3 -6.06 2.25 20.82
CA VAL B 3 -5.98 2.32 22.27
C VAL B 3 -4.57 2.00 22.75
N LYS B 4 -4.30 2.34 24.02
CA LYS B 4 -3.01 2.09 24.66
C LYS B 4 -2.60 0.62 24.65
N GLY B 5 -1.35 0.38 24.30
CA GLY B 5 -0.83 -0.97 24.24
C GLY B 5 -1.18 -1.83 25.43
N ASN B 6 -1.08 -1.29 26.64
CA ASN B 6 -1.35 -2.18 27.75
C ASN B 6 -2.82 -2.25 28.21
N GLU B 7 -3.68 -1.48 27.55
CA GLU B 7 -5.10 -1.76 27.70
C GLU B 7 -5.38 -3.13 27.11
N ILE B 8 -4.95 -3.34 25.88
CA ILE B 8 -5.00 -4.68 25.30
C ILE B 8 -4.18 -5.67 26.15
N LEU B 9 -2.94 -5.31 26.47
CA LEU B 9 -1.99 -6.27 27.02
C LEU B 9 -2.26 -6.66 28.48
N LEU B 10 -2.82 -5.73 29.25
CA LEU B 10 -3.15 -5.95 30.65
C LEU B 10 -4.30 -6.93 30.78
N LYS B 11 -5.24 -6.81 29.85
CA LYS B 11 -6.34 -7.75 29.77
C LYS B 11 -5.75 -9.12 29.46
N ALA B 12 -4.82 -9.17 28.52
CA ALA B 12 -4.19 -10.43 28.15
C ALA B 12 -3.40 -10.99 29.32
N HIS B 13 -2.77 -10.10 30.10
CA HIS B 13 -1.97 -10.51 31.23
C HIS B 13 -2.81 -11.25 32.28
N LYS B 14 -3.92 -10.64 32.71
CA LYS B 14 -4.76 -11.26 33.74
C LYS B 14 -5.59 -12.46 33.30
N GLU B 15 -6.07 -12.44 32.06
CA GLU B 15 -6.91 -13.51 31.55
C GLU B 15 -6.07 -14.65 30.99
N GLY B 16 -4.76 -14.42 30.95
CA GLY B 16 -3.79 -15.46 30.61
C GLY B 16 -3.75 -15.93 29.16
N TYR B 17 -3.73 -14.99 28.22
CA TYR B 17 -3.57 -15.36 26.81
C TYR B 17 -2.63 -14.44 26.07
N GLY B 18 -2.20 -14.89 24.89
CA GLY B 18 -1.32 -14.11 24.04
C GLY B 18 -2.04 -13.38 22.91
N VAL B 19 -1.58 -12.17 22.66
CA VAL B 19 -2.03 -11.36 21.55
C VAL B 19 -0.92 -11.28 20.52
N GLY B 20 -1.23 -11.61 19.27
CA GLY B 20 -0.25 -11.53 18.22
C GLY B 20 0.07 -10.07 17.93
N ALA B 21 1.34 -9.77 17.72
CA ALA B 21 1.72 -8.43 17.30
C ALA B 21 2.31 -8.59 15.92
N PHE B 22 1.62 -8.06 14.92
CA PHE B 22 1.97 -8.33 13.53
C PHE B 22 2.64 -7.15 12.86
N ASN B 23 3.73 -7.42 12.15
CA ASN B 23 4.44 -6.35 11.45
C ASN B 23 3.85 -6.09 10.09
N PHE B 24 3.99 -4.86 9.62
CA PHE B 24 3.45 -4.49 8.31
C PHE B 24 4.36 -3.47 7.66
N VAL B 25 4.39 -3.46 6.32
CA VAL B 25 5.22 -2.49 5.60
C VAL B 25 4.42 -1.74 4.56
N ASN B 26 3.18 -2.13 4.34
CA ASN B 26 2.36 -1.43 3.37
C ASN B 26 0.87 -1.73 3.53
N PHE B 27 0.07 -1.29 2.58
CA PHE B 27 -1.38 -1.43 2.71
C PHE B 27 -1.82 -2.88 2.70
N GLU B 28 -1.23 -3.68 1.81
CA GLU B 28 -1.65 -5.08 1.66
C GLU B 28 -1.55 -5.85 2.98
N MET B 29 -0.43 -5.67 3.68
CA MET B 29 -0.23 -6.34 4.96
C MET B 29 -1.20 -5.81 6.01
N LEU B 30 -1.45 -4.51 5.96
CA LEU B 30 -2.26 -3.89 6.98
C LEU B 30 -3.68 -4.40 6.88
N ASN B 31 -4.16 -4.47 5.65
CA ASN B 31 -5.51 -4.91 5.34
C ASN B 31 -5.73 -6.36 5.74
N ALA B 32 -4.82 -7.24 5.31
CA ALA B 32 -4.87 -8.65 5.69
C ALA B 32 -4.96 -8.87 7.20
N ILE B 33 -4.20 -8.09 7.97
CA ILE B 33 -4.14 -8.27 9.43
C ILE B 33 -5.47 -7.87 10.08
N PHE B 34 -6.03 -6.75 9.61
CA PHE B 34 -7.30 -6.23 10.10
C PHE B 34 -8.51 -7.12 9.77
N GLU B 35 -8.52 -7.71 8.58
CA GLU B 35 -9.58 -8.61 8.22
C GLU B 35 -9.52 -9.86 9.08
N ALA B 36 -8.29 -10.34 9.32
CA ALA B 36 -8.10 -11.48 10.19
C ALA B 36 -8.60 -11.14 11.60
N GLY B 37 -8.22 -9.97 12.10
CA GLY B 37 -8.71 -9.52 13.37
C GLY B 37 -10.22 -9.51 13.40
N ASN B 38 -10.82 -9.05 12.30
CA ASN B 38 -12.27 -8.96 12.19
C ASN B 38 -12.95 -10.33 12.17
N GLU B 39 -12.35 -11.26 11.43
CA GLU B 39 -12.90 -12.58 11.23
C GLU B 39 -12.75 -13.50 12.44
N GLU B 40 -11.79 -13.21 13.31
CA GLU B 40 -11.59 -14.02 14.50
C GLU B 40 -12.00 -13.27 15.76
N ASN B 41 -12.50 -12.04 15.59
CA ASN B 41 -12.92 -11.22 16.73
C ASN B 41 -11.82 -11.10 17.77
N SER B 42 -10.64 -10.74 17.28
CA SER B 42 -9.46 -10.61 18.11
C SER B 42 -8.98 -9.18 18.14
N PRO B 43 -8.48 -8.75 19.31
CA PRO B 43 -7.83 -7.45 19.51
C PRO B 43 -6.55 -7.50 18.70
N LEU B 44 -6.16 -6.36 18.14
CA LEU B 44 -5.00 -6.27 17.25
C LEU B 44 -3.85 -5.53 17.87
N PHE B 45 -2.65 -6.08 17.76
CA PHE B 45 -1.45 -5.30 17.97
C PHE B 45 -0.78 -5.13 16.60
N ILE B 46 -0.75 -3.90 16.07
CA ILE B 46 -0.08 -3.65 14.79
C ILE B 46 1.31 -3.08 15.01
N GLN B 47 2.33 -3.66 14.39
CA GLN B 47 3.64 -3.00 14.54
C GLN B 47 4.43 -2.65 13.28
N ALA B 48 5.25 -1.62 13.41
CA ALA B 48 6.14 -1.20 12.33
C ALA B 48 7.55 -0.93 12.89
N SER B 49 8.53 -1.60 12.30
CA SER B 49 9.95 -1.39 12.61
C SER B 49 10.34 0.00 12.18
N GLU B 50 11.49 0.47 12.66
CA GLU B 50 12.07 1.73 12.21
C GLU B 50 12.25 1.68 10.69
N GLY B 51 12.60 0.51 10.17
CA GLY B 51 12.80 0.36 8.74
C GLY B 51 11.53 0.43 7.92
N ALA B 52 10.43 -0.07 8.46
CA ALA B 52 9.16 -0.01 7.74
C ALA B 52 8.62 1.40 7.75
N ILE B 53 8.77 2.09 8.87
CA ILE B 53 8.39 3.49 9.00
C ILE B 53 9.16 4.38 8.02
N LYS B 54 10.43 4.09 7.81
CA LYS B 54 11.19 4.90 6.86
C LYS B 54 10.71 4.61 5.45
N TYR B 55 10.45 3.34 5.17
CA TYR B 55 9.91 2.92 3.89
C TYR B 55 8.59 3.62 3.55
N MET B 56 7.64 3.62 4.48
CA MET B 56 6.34 4.21 4.14
C MET B 56 6.13 5.66 4.60
N GLY B 57 6.98 6.14 5.50
CA GLY B 57 6.79 7.42 6.12
C GLY B 57 5.90 7.22 7.33
N ILE B 58 6.27 7.85 8.44
CA ILE B 58 5.52 7.72 9.68
C ILE B 58 4.15 8.37 9.60
N ASP B 59 3.99 9.34 8.68
CA ASP B 59 2.70 9.98 8.45
C ASP B 59 1.75 8.98 7.83
N MET B 60 2.28 8.19 6.89
CA MET B 60 1.47 7.21 6.18
C MET B 60 1.22 6.00 7.06
N ALA B 61 2.23 5.53 7.77
CA ALA B 61 2.03 4.42 8.70
C ALA B 61 0.87 4.69 9.64
N VAL B 62 0.79 5.90 10.20
CA VAL B 62 -0.28 6.20 11.17
C VAL B 62 -1.57 6.48 10.43
N GLY B 63 -1.44 7.14 9.29
CA GLY B 63 -2.55 7.41 8.42
C GLY B 63 -3.41 6.19 8.10
N MET B 64 -2.81 5.14 7.52
CA MET B 64 -3.59 3.98 7.09
C MET B 64 -4.19 3.24 8.29
N VAL B 65 -3.47 3.22 9.40
CA VAL B 65 -3.98 2.56 10.57
C VAL B 65 -5.21 3.28 11.06
N LYS B 66 -5.19 4.62 11.04
CA LYS B 66 -6.37 5.36 11.48
C LYS B 66 -7.54 5.14 10.52
N ILE B 67 -7.25 4.94 9.23
CA ILE B 67 -8.32 4.64 8.29
C ILE B 67 -8.86 3.23 8.51
N MET B 68 -7.96 2.29 8.82
CA MET B 68 -8.39 0.92 9.03
C MET B 68 -9.18 0.79 10.33
N CYS B 69 -8.93 1.69 11.29
CA CYS B 69 -9.65 1.71 12.56
C CYS B 69 -11.08 2.19 12.45
N GLU B 70 -11.27 3.23 11.62
CA GLU B 70 -12.62 3.68 11.29
C GLU B 70 -13.40 2.62 10.54
N ARG B 71 -12.72 1.81 9.82
CA ARG B 71 -13.35 0.75 9.07
C ARG B 71 -13.87 -0.33 9.97
N TYR B 72 -13.12 -0.62 11.03
CA TYR B 72 -13.46 -1.70 11.93
C TYR B 72 -13.45 -1.19 13.35
N PRO B 73 -14.33 -0.22 13.65
CA PRO B 73 -14.32 0.53 14.90
C PRO B 73 -14.56 -0.32 16.14
N HIS B 74 -14.92 -1.59 15.96
CA HIS B 74 -15.15 -2.48 17.09
C HIS B 74 -13.89 -3.24 17.53
N ILE B 75 -12.83 -3.20 16.72
CA ILE B 75 -11.62 -3.92 17.07
C ILE B 75 -10.65 -3.04 17.82
N PRO B 76 -10.24 -3.48 19.01
CA PRO B 76 -9.21 -2.76 19.76
C PRO B 76 -7.87 -2.91 19.06
N VAL B 77 -7.27 -1.79 18.70
CA VAL B 77 -5.97 -1.82 18.04
C VAL B 77 -4.94 -0.91 18.70
N ALA B 78 -3.79 -1.49 19.03
CA ALA B 78 -2.62 -0.74 19.46
C ALA B 78 -1.64 -0.62 18.29
N LEU B 79 -1.11 0.58 18.10
CA LEU B 79 -0.04 0.81 17.13
C LEU B 79 1.30 1.06 17.85
N HIS B 80 2.27 0.20 17.54
CA HIS B 80 3.46 -0.01 18.33
C HIS B 80 4.73 0.16 17.47
N LEU B 81 5.68 0.91 18.01
CA LEU B 81 6.98 1.06 17.38
C LEU B 81 7.82 -0.13 17.75
N ASP B 82 8.25 -0.87 16.73
CA ASP B 82 8.98 -2.09 16.97
C ASP B 82 10.47 -1.81 16.85
N HIS B 83 11.23 -2.23 17.85
CA HIS B 83 12.67 -1.97 17.87
C HIS B 83 13.05 -0.52 17.64
N GLY B 84 12.39 0.40 18.34
CA GLY B 84 12.84 1.77 18.38
C GLY B 84 14.24 1.70 18.93
N THR B 85 15.18 2.42 18.31
CA THR B 85 16.61 2.33 18.67
C THR B 85 17.13 3.52 19.48
N THR B 86 16.38 4.62 19.48
CA THR B 86 16.81 5.85 20.13
C THR B 86 15.66 6.52 20.84
N PHE B 87 15.97 7.35 21.82
CA PHE B 87 14.95 8.19 22.46
C PHE B 87 14.21 8.97 21.39
N GLU B 88 14.98 9.54 20.46
CA GLU B 88 14.43 10.39 19.41
C GLU B 88 13.46 9.65 18.51
N SER B 89 13.77 8.40 18.18
CA SER B 89 12.87 7.57 17.40
C SER B 89 11.55 7.29 18.14
N CYS B 90 11.65 6.89 19.41
CA CYS B 90 10.46 6.69 20.22
C CYS B 90 9.63 7.96 20.30
N GLU B 91 10.28 9.10 20.42
CA GLU B 91 9.58 10.37 20.59
C GLU B 91 8.83 10.83 19.34
N LYS B 92 9.39 10.59 18.16
CA LYS B 92 8.69 10.90 16.93
C LYS B 92 7.44 10.01 16.86
N ALA B 93 7.61 8.73 17.16
CA ALA B 93 6.48 7.79 17.15
C ALA B 93 5.36 8.35 18.02
N VAL B 94 5.70 8.69 19.26
CA VAL B 94 4.72 9.27 20.19
C VAL B 94 3.99 10.49 19.60
N LYS B 95 4.73 11.41 18.98
CA LYS B 95 4.11 12.63 18.42
C LYS B 95 3.28 12.34 17.16
N ALA B 96 3.62 11.28 16.42
CA ALA B 96 2.90 10.91 15.20
C ALA B 96 1.58 10.19 15.51
N GLY B 97 1.49 9.58 16.68
CA GLY B 97 0.25 9.00 17.13
C GLY B 97 0.32 7.54 17.55
N PHE B 98 1.50 6.96 17.63
CA PHE B 98 1.59 5.60 18.13
C PHE B 98 1.01 5.53 19.54
N THR B 99 0.56 4.35 19.93
CA THR B 99 -0.02 4.15 21.25
C THR B 99 0.88 3.22 22.04
N SER B 100 1.98 2.83 21.40
CA SER B 100 2.96 1.97 22.06
C SER B 100 4.32 2.13 21.39
N VAL B 101 5.39 1.93 22.15
CA VAL B 101 6.74 2.04 21.62
C VAL B 101 7.68 1.06 22.29
N MET B 102 8.53 0.42 21.49
CA MET B 102 9.59 -0.39 22.05
C MET B 102 10.91 0.39 22.01
N ILE B 103 11.56 0.50 23.17
CA ILE B 103 12.91 1.05 23.23
C ILE B 103 13.86 -0.11 23.44
N ASP B 104 14.52 -0.52 22.37
CA ASP B 104 15.42 -1.66 22.42
C ASP B 104 16.85 -1.16 22.64
N ALA B 105 17.32 -1.36 23.86
CA ALA B 105 18.69 -1.02 24.24
C ALA B 105 19.33 -2.26 24.86
N SER B 106 18.75 -3.43 24.58
CA SER B 106 19.20 -4.70 25.15
C SER B 106 20.66 -5.01 24.88
N HIS B 107 21.24 -4.35 23.89
CA HIS B 107 22.64 -4.59 23.50
C HIS B 107 23.59 -3.84 24.43
N HIS B 108 23.05 -2.89 25.20
CA HIS B 108 23.81 -2.15 26.18
C HIS B 108 23.93 -2.97 27.48
N ALA B 109 24.63 -2.42 28.46
CA ALA B 109 24.68 -3.03 29.78
C ALA B 109 23.48 -2.58 30.58
N PHE B 110 23.11 -3.46 31.57
CA PHE B 110 21.95 -3.24 32.42
C PHE B 110 21.72 -1.75 32.69
N GLU B 111 22.67 -1.01 33.27
CA GLU B 111 22.50 0.37 33.73
C GLU B 111 22.26 1.37 32.60
N GLU B 112 22.81 1.06 31.43
CA GLU B 112 22.65 1.95 30.28
C GLU B 112 21.26 1.75 29.69
N ASN B 113 20.79 0.50 29.80
CA ASN B 113 19.46 0.11 29.36
C ASN B 113 18.39 0.75 30.24
N LEU B 114 18.54 0.56 31.54
CA LEU B 114 17.58 1.12 32.49
C LEU B 114 17.50 2.62 32.35
N GLU B 115 18.65 3.25 32.12
CA GLU B 115 18.77 4.72 32.05
C GLU B 115 18.04 5.30 30.85
N LEU B 116 18.26 4.72 29.67
CA LEU B 116 17.53 5.10 28.46
C LEU B 116 16.04 4.68 28.50
N THR B 117 15.77 3.46 28.95
CA THR B 117 14.40 2.97 28.98
C THR B 117 13.53 3.85 29.85
N SER B 118 14.05 4.23 31.01
CA SER B 118 13.34 5.13 31.93
C SER B 118 13.08 6.47 31.30
N LYS B 119 14.07 6.96 30.55
CA LYS B 119 13.94 8.22 29.85
C LYS B 119 12.81 8.12 28.86
N VAL B 120 12.77 7.02 28.13
CA VAL B 120 11.66 6.83 27.18
C VAL B 120 10.35 6.72 27.93
N VAL B 121 10.36 5.93 29.01
CA VAL B 121 9.14 5.70 29.78
C VAL B 121 8.55 7.00 30.25
N LYS B 122 9.38 7.88 30.82
CA LYS B 122 8.89 9.15 31.33
C LYS B 122 8.15 9.96 30.27
N MET B 123 8.74 10.11 29.09
CA MET B 123 8.04 10.91 28.06
C MET B 123 6.89 10.13 27.43
N ALA B 124 7.05 8.83 27.23
CA ALA B 124 5.90 8.05 26.75
C ALA B 124 4.70 8.22 27.69
N HIS B 125 4.84 7.77 28.92
CA HIS B 125 3.75 7.83 29.90
C HIS B 125 3.16 9.23 30.03
N ASN B 126 3.97 10.24 29.75
CA ASN B 126 3.52 11.62 29.84
C ASN B 126 2.57 11.96 28.69
N ALA B 127 2.68 11.18 27.61
CA ALA B 127 1.80 11.34 26.47
C ALA B 127 0.81 10.17 26.41
N GLY B 128 0.67 9.47 27.53
CA GLY B 128 -0.27 8.38 27.66
C GLY B 128 0.05 7.18 26.79
N VAL B 129 1.32 6.96 26.54
CA VAL B 129 1.72 5.89 25.63
C VAL B 129 2.49 4.84 26.42
N SER B 130 2.33 3.57 26.07
CA SER B 130 2.96 2.51 26.84
C SER B 130 4.31 2.18 26.23
N VAL B 131 5.14 1.50 27.02
CA VAL B 131 6.50 1.23 26.64
C VAL B 131 6.90 -0.22 26.81
N GLU B 132 7.65 -0.72 25.85
CA GLU B 132 8.28 -2.03 25.95
C GLU B 132 9.79 -1.85 26.01
N ALA B 133 10.47 -2.78 26.68
CA ALA B 133 11.93 -2.79 26.69
C ALA B 133 12.36 -4.24 26.54
N GLU B 134 13.66 -4.47 26.42
CA GLU B 134 14.18 -5.82 26.26
C GLU B 134 15.34 -6.10 27.21
N LEU B 135 15.42 -7.35 27.66
CA LEU B 135 16.52 -7.77 28.53
C LEU B 135 17.08 -9.09 28.07
N GLY B 136 18.42 -9.20 28.03
CA GLY B 136 19.08 -10.30 27.34
C GLY B 136 19.24 -9.98 25.86
N ARG B 137 20.04 -10.77 25.16
CA ARG B 137 20.04 -10.64 23.72
C ARG B 137 19.38 -11.83 23.08
N LEU B 138 18.75 -11.59 21.94
CA LEU B 138 18.13 -12.66 21.17
C LEU B 138 19.16 -13.42 20.30
N MET B 139 19.09 -14.74 20.36
CA MET B 139 20.12 -15.59 19.80
C MET B 139 19.80 -17.02 20.14
N GLY B 140 19.85 -17.92 19.16
CA GLY B 140 19.51 -19.30 19.41
C GLY B 140 20.11 -19.87 20.70
N ILE B 141 19.46 -20.90 21.24
CA ILE B 141 19.92 -21.54 22.48
C ILE B 141 20.14 -20.57 23.67
N LEU B 154 20.72 -14.67 27.54
CA LEU B 154 19.41 -14.92 28.14
C LEU B 154 19.17 -14.01 29.35
N VAL B 155 17.91 -13.67 29.58
CA VAL B 155 17.53 -12.76 30.66
C VAL B 155 17.95 -13.27 32.03
N ASN B 156 18.16 -12.36 32.95
CA ASN B 156 18.40 -12.69 34.34
C ASN B 156 17.21 -12.19 35.13
N PRO B 157 16.46 -13.14 35.72
CA PRO B 157 15.17 -12.86 36.34
C PRO B 157 15.21 -11.77 37.40
N LYS B 158 16.24 -11.78 38.25
CA LYS B 158 16.23 -10.93 39.42
C LYS B 158 16.64 -9.50 39.10
N GLU B 159 17.38 -9.32 38.01
CA GLU B 159 17.59 -7.97 37.51
C GLU B 159 16.36 -7.49 36.74
N ALA B 160 15.65 -8.41 36.08
CA ALA B 160 14.41 -8.05 35.40
C ALA B 160 13.45 -7.41 36.41
N GLU B 161 13.40 -7.99 37.60
CA GLU B 161 12.57 -7.46 38.68
C GLU B 161 12.98 -6.04 39.04
N GLN B 162 14.28 -5.81 39.07
CA GLN B 162 14.82 -4.48 39.36
C GLN B 162 14.63 -3.57 38.16
N PHE B 163 14.97 -4.07 36.98
CA PHE B 163 14.79 -3.32 35.73
C PHE B 163 13.38 -2.75 35.68
N VAL B 164 12.39 -3.63 35.78
CA VAL B 164 10.98 -3.24 35.71
C VAL B 164 10.58 -2.28 36.82
N LYS B 165 10.96 -2.60 38.05
CA LYS B 165 10.63 -1.77 39.21
C LYS B 165 11.21 -0.37 39.08
N GLU B 166 12.48 -0.29 38.67
CA GLU B 166 13.18 0.99 38.50
C GLU B 166 12.63 1.81 37.34
N SER B 167 12.37 1.13 36.23
CA SER B 167 11.98 1.80 34.99
C SER B 167 10.51 2.16 34.91
N GLN B 168 9.65 1.33 35.48
CA GLN B 168 8.20 1.60 35.43
C GLN B 168 7.68 1.34 34.00
N VAL B 169 8.39 0.49 33.27
CA VAL B 169 8.02 0.09 31.93
C VAL B 169 6.75 -0.78 31.99
N ASP B 170 5.96 -0.80 30.91
CA ASP B 170 4.69 -1.49 30.96
C ASP B 170 4.76 -2.97 30.61
N TYR B 171 5.73 -3.34 29.78
CA TYR B 171 5.93 -4.75 29.48
C TYR B 171 7.36 -4.97 29.10
N LEU B 172 7.76 -6.23 29.07
CA LEU B 172 9.16 -6.51 28.87
C LEU B 172 9.37 -7.72 27.98
N ALA B 173 10.39 -7.65 27.14
CA ALA B 173 10.77 -8.72 26.24
C ALA B 173 11.96 -9.52 26.79
N PRO B 174 11.70 -10.59 27.56
CA PRO B 174 12.79 -11.39 28.11
C PRO B 174 13.32 -12.35 27.07
N ALA B 175 14.63 -12.45 26.90
CA ALA B 175 15.17 -13.39 25.92
C ALA B 175 15.28 -14.79 26.51
N ILE B 176 14.78 -15.80 25.78
CA ILE B 176 14.81 -17.18 26.27
C ILE B 176 15.19 -18.21 25.21
N GLY B 177 15.79 -17.74 24.11
CA GLY B 177 16.24 -18.64 23.07
C GLY B 177 15.61 -18.45 21.70
N THR B 178 14.80 -17.39 21.54
CA THR B 178 14.29 -17.03 20.23
C THR B 178 15.23 -16.05 19.52
N SER B 179 15.14 -16.00 18.20
CA SER B 179 15.88 -15.03 17.41
C SER B 179 15.07 -14.72 16.15
N HIS B 180 15.22 -13.51 15.61
CA HIS B 180 14.52 -13.14 14.38
C HIS B 180 15.02 -13.97 13.21
N GLY B 181 14.15 -14.14 12.22
CA GLY B 181 14.54 -14.83 11.01
C GLY B 181 13.90 -16.17 10.84
N ALA B 182 14.06 -16.71 9.64
CA ALA B 182 13.45 -17.98 9.29
C ALA B 182 14.32 -19.11 9.81
N PHE B 183 15.37 -18.76 10.54
CA PHE B 183 16.35 -19.74 11.00
C PHE B 183 16.70 -19.54 12.47
N LYS B 184 15.80 -19.96 13.36
CA LYS B 184 15.95 -19.63 14.77
C LYS B 184 16.79 -20.65 15.54
N PHE B 185 16.73 -21.92 15.12
CA PHE B 185 17.42 -23.00 15.83
C PHE B 185 18.30 -23.85 14.92
N LYS B 186 19.57 -23.98 15.28
CA LYS B 186 20.49 -24.85 14.58
C LYS B 186 19.89 -26.26 14.51
N GLY B 187 19.49 -26.78 15.67
CA GLY B 187 18.89 -28.10 15.77
C GLY B 187 17.50 -28.04 16.36
N GLU B 188 17.23 -28.82 17.40
CA GLU B 188 15.92 -28.81 18.03
C GLU B 188 15.66 -27.53 18.79
N PRO B 189 14.49 -26.92 18.59
CA PRO B 189 14.06 -25.72 19.30
C PRO B 189 14.08 -25.95 20.80
N LYS B 190 14.55 -24.97 21.55
CA LYS B 190 14.63 -25.08 22.99
C LYS B 190 14.44 -23.70 23.57
N LEU B 191 13.63 -23.60 24.61
CA LEU B 191 13.38 -22.33 25.25
C LEU B 191 13.30 -22.53 26.76
N ASP B 192 13.78 -21.55 27.52
CA ASP B 192 13.86 -21.70 28.96
C ASP B 192 12.62 -21.15 29.66
N PHE B 193 11.59 -21.99 29.77
CA PHE B 193 10.31 -21.58 30.34
C PHE B 193 10.40 -21.34 31.84
N GLU B 194 11.44 -21.89 32.46
CA GLU B 194 11.71 -21.65 33.88
C GLU B 194 12.13 -20.20 34.11
N ARG B 195 13.07 -19.74 33.32
CA ARG B 195 13.38 -18.31 33.30
C ARG B 195 12.09 -17.53 33.22
N LEU B 196 11.35 -17.76 32.13
CA LEU B 196 10.09 -17.11 31.86
C LEU B 196 9.18 -17.00 33.09
N GLN B 197 8.77 -18.15 33.61
CA GLN B 197 7.84 -18.15 34.74
C GLN B 197 8.42 -17.35 35.89
N GLU B 198 9.73 -17.46 36.08
CA GLU B 198 10.35 -16.77 37.19
C GLU B 198 10.28 -15.26 36.94
N VAL B 199 10.66 -14.87 35.74
CA VAL B 199 10.51 -13.48 35.30
C VAL B 199 9.08 -13.00 35.51
N LYS B 200 8.11 -13.76 34.99
CA LYS B 200 6.72 -13.34 35.07
C LYS B 200 6.36 -13.11 36.53
N ARG B 201 6.73 -14.08 37.35
CA ARG B 201 6.50 -14.05 38.78
C ARG B 201 7.12 -12.84 39.46
N LEU B 202 8.40 -12.58 39.17
CA LEU B 202 9.10 -11.44 39.76
C LEU B 202 8.60 -10.08 39.27
N THR B 203 8.08 -10.04 38.05
CA THR B 203 7.72 -8.78 37.44
C THR B 203 6.23 -8.49 37.56
N ASN B 204 5.41 -9.46 37.18
CA ASN B 204 3.97 -9.30 37.30
C ASN B 204 3.44 -8.24 36.32
N ILE B 205 3.97 -8.28 35.10
CA ILE B 205 3.54 -7.42 34.01
C ILE B 205 3.49 -8.25 32.74
N PRO B 206 2.83 -7.72 31.69
CA PRO B 206 2.80 -8.41 30.39
C PRO B 206 4.21 -8.65 29.88
N LEU B 207 4.47 -9.85 29.39
CA LEU B 207 5.76 -10.17 28.81
C LEU B 207 5.65 -10.30 27.30
N VAL B 208 6.76 -10.07 26.59
CA VAL B 208 6.76 -10.05 25.14
C VAL B 208 7.75 -11.05 24.57
N LEU B 209 7.27 -11.91 23.68
CA LEU B 209 8.14 -12.83 22.96
C LEU B 209 8.47 -12.31 21.55
N HIS B 210 9.76 -12.05 21.32
CA HIS B 210 10.25 -11.67 20.01
C HIS B 210 10.75 -12.92 19.28
N GLY B 211 10.92 -12.80 17.98
CA GLY B 211 11.35 -13.92 17.16
C GLY B 211 10.43 -15.10 17.31
N ALA B 212 9.11 -14.85 17.21
CA ALA B 212 8.11 -15.87 17.51
C ALA B 212 7.42 -16.53 16.31
N SER B 213 7.85 -16.23 15.10
CA SER B 213 7.28 -16.91 13.93
C SER B 213 7.39 -18.43 14.07
N ALA B 214 6.44 -19.15 13.51
CA ALA B 214 6.39 -20.60 13.63
C ALA B 214 6.86 -21.27 12.35
N ILE B 215 6.88 -20.57 11.25
CA ILE B 215 7.18 -21.13 9.95
C ILE B 215 6.39 -22.43 9.73
N PRO B 216 4.95 -22.32 9.70
CA PRO B 216 4.14 -23.54 9.54
C PRO B 216 4.47 -24.30 8.26
N ASP B 217 4.32 -25.62 8.31
CA ASP B 217 4.61 -26.49 7.18
C ASP B 217 3.91 -26.08 5.89
N ASN B 218 2.65 -25.64 5.99
CA ASN B 218 1.91 -25.25 4.79
C ASN B 218 2.49 -23.99 4.17
N VAL B 219 2.90 -23.05 5.02
CA VAL B 219 3.50 -21.82 4.54
C VAL B 219 4.83 -22.11 3.88
N ARG B 220 5.62 -22.99 4.49
CA ARG B 220 6.90 -23.38 3.92
C ARG B 220 6.71 -24.12 2.61
N LYS B 221 5.75 -25.04 2.63
CA LYS B 221 5.39 -25.85 1.46
C LYS B 221 4.98 -24.94 0.31
N SER B 222 4.18 -23.93 0.62
CA SER B 222 3.76 -22.97 -0.39
C SER B 222 4.94 -22.21 -0.99
N TYR B 223 5.89 -21.81 -0.14
CA TYR B 223 7.01 -20.99 -0.56
C TYR B 223 8.02 -21.76 -1.40
N LEU B 224 8.16 -23.04 -1.08
CA LEU B 224 9.08 -23.92 -1.81
C LEU B 224 8.45 -24.41 -3.10
N ASP B 225 7.14 -24.56 -3.09
CA ASP B 225 6.41 -24.90 -4.32
C ASP B 225 6.46 -23.74 -5.30
N ALA B 226 6.68 -22.53 -4.80
CA ALA B 226 6.74 -21.38 -5.70
C ALA B 226 8.17 -21.14 -6.16
N GLY B 227 9.08 -22.01 -5.72
CA GLY B 227 10.47 -21.94 -6.16
C GLY B 227 11.34 -21.20 -5.18
N GLY B 228 10.77 -20.89 -4.02
CA GLY B 228 11.52 -20.24 -2.96
C GLY B 228 12.64 -21.12 -2.43
N ASP B 229 13.41 -20.57 -1.50
CA ASP B 229 14.56 -21.26 -0.92
C ASP B 229 14.64 -20.97 0.57
N LEU B 230 14.20 -21.93 1.38
CA LEU B 230 14.30 -21.81 2.83
C LEU B 230 15.16 -22.93 3.38
N LYS B 231 16.32 -23.15 2.77
CA LYS B 231 17.26 -24.17 3.22
C LYS B 231 17.58 -23.99 4.70
N GLY B 232 17.14 -24.95 5.51
CA GLY B 232 17.48 -24.99 6.92
C GLY B 232 16.70 -24.00 7.79
N SER B 233 15.49 -23.65 7.37
CA SER B 233 14.69 -22.70 8.12
C SER B 233 13.84 -23.40 9.18
N LYS B 234 13.93 -22.95 10.42
CA LYS B 234 13.01 -23.41 11.45
C LYS B 234 12.63 -22.30 12.43
N GLY B 235 11.35 -22.27 12.77
CA GLY B 235 10.81 -21.26 13.68
C GLY B 235 10.23 -21.93 14.91
N VAL B 236 9.66 -21.15 15.81
CA VAL B 236 9.14 -21.70 17.06
C VAL B 236 7.88 -22.56 16.83
N PRO B 237 7.94 -23.85 17.21
CA PRO B 237 6.82 -24.77 16.99
C PRO B 237 5.56 -24.28 17.71
N PHE B 238 4.38 -24.53 17.13
CA PHE B 238 3.13 -24.11 17.77
C PHE B 238 3.11 -24.54 19.25
N GLU B 239 3.63 -25.73 19.52
CA GLU B 239 3.66 -26.27 20.87
C GLU B 239 4.36 -25.31 21.84
N PHE B 240 5.54 -24.85 21.44
CA PHE B 240 6.32 -23.91 22.25
C PHE B 240 5.64 -22.56 22.38
N LEU B 241 5.07 -22.09 21.27
CA LEU B 241 4.29 -20.86 21.29
C LEU B 241 3.25 -20.99 22.39
N GLN B 242 2.53 -22.11 22.38
CA GLN B 242 1.51 -22.35 23.41
C GLN B 242 2.08 -22.35 24.82
N GLU B 243 3.19 -23.04 25.01
CA GLU B 243 3.81 -23.12 26.33
C GLU B 243 4.22 -21.74 26.83
N SER B 244 4.65 -20.90 25.89
CA SER B 244 5.12 -19.55 26.19
C SER B 244 4.00 -18.76 26.82
N VAL B 245 2.82 -18.91 26.24
CA VAL B 245 1.64 -18.23 26.75
C VAL B 245 1.27 -18.74 28.15
N LYS B 246 1.46 -20.03 28.42
CA LYS B 246 1.25 -20.56 29.79
C LYS B 246 2.26 -19.93 30.72
N GLY B 247 3.49 -19.80 30.23
CA GLY B 247 4.55 -19.16 30.97
C GLY B 247 4.25 -17.72 31.34
N GLY B 248 3.46 -17.03 30.53
CA GLY B 248 3.14 -15.64 30.83
C GLY B 248 3.42 -14.65 29.72
N ILE B 249 3.92 -15.12 28.58
CA ILE B 249 4.02 -14.27 27.38
C ILE B 249 2.64 -13.79 26.99
N ASN B 250 2.46 -12.49 26.80
CA ASN B 250 1.16 -11.92 26.41
C ASN B 250 1.15 -11.26 25.04
N LYS B 251 2.34 -11.07 24.48
CA LYS B 251 2.45 -10.40 23.18
C LYS B 251 3.45 -11.15 22.34
N VAL B 252 3.03 -11.63 21.17
CA VAL B 252 3.88 -12.51 20.37
C VAL B 252 4.21 -11.89 19.03
N ASN B 253 5.44 -11.40 18.89
CA ASN B 253 5.83 -10.71 17.67
C ASN B 253 5.93 -11.68 16.52
N THR B 254 5.33 -11.28 15.39
CA THR B 254 5.19 -12.15 14.23
C THR B 254 5.30 -11.34 12.93
N ASP B 255 6.41 -11.55 12.22
CA ASP B 255 6.66 -10.85 10.96
C ASP B 255 7.01 -11.84 9.85
N THR B 256 8.05 -12.63 10.09
CA THR B 256 8.61 -13.53 9.09
C THR B 256 7.57 -14.48 8.44
N ASP B 257 6.67 -15.02 9.25
CA ASP B 257 5.63 -15.92 8.74
C ASP B 257 4.73 -15.17 7.76
N LEU B 258 4.45 -13.91 8.06
CA LEU B 258 3.65 -13.07 7.18
C LEU B 258 4.33 -12.92 5.82
N ARG B 259 5.58 -12.47 5.82
CA ARG B 259 6.28 -12.19 4.57
C ARG B 259 6.46 -13.42 3.69
N ILE B 260 6.74 -14.57 4.33
CA ILE B 260 6.91 -15.81 3.59
C ILE B 260 5.60 -16.20 2.95
N ALA B 261 4.55 -16.20 3.76
CA ALA B 261 3.22 -16.53 3.25
C ALA B 261 2.81 -15.59 2.11
N PHE B 262 3.12 -14.30 2.26
CA PHE B 262 2.73 -13.29 1.27
C PHE B 262 3.56 -13.46 0.01
N ILE B 263 4.88 -13.46 0.15
CA ILE B 263 5.79 -13.57 -0.99
C ILE B 263 5.67 -14.89 -1.76
N ALA B 264 5.29 -15.97 -1.09
CA ALA B 264 5.09 -17.23 -1.78
C ALA B 264 4.07 -17.06 -2.88
N GLU B 265 2.93 -16.45 -2.55
CA GLU B 265 1.86 -16.29 -3.51
C GLU B 265 2.27 -15.37 -4.65
N VAL B 266 3.04 -14.32 -4.34
CA VAL B 266 3.57 -13.44 -5.38
C VAL B 266 4.41 -14.24 -6.36
N ARG B 267 5.36 -15.00 -5.83
CA ARG B 267 6.23 -15.86 -6.62
C ARG B 267 5.45 -16.82 -7.49
N LYS B 268 4.41 -17.39 -6.90
CA LYS B 268 3.57 -18.34 -7.61
C LYS B 268 2.94 -17.66 -8.80
N VAL B 269 2.24 -16.55 -8.57
CA VAL B 269 1.55 -15.84 -9.67
C VAL B 269 2.50 -15.44 -10.78
N ALA B 270 3.73 -15.08 -10.42
CA ALA B 270 4.73 -14.75 -11.41
C ALA B 270 5.11 -15.96 -12.24
N ASN B 271 5.23 -17.11 -11.58
CA ASN B 271 5.58 -18.36 -12.24
C ASN B 271 4.40 -18.85 -13.08
N GLU B 272 3.21 -18.75 -12.49
CA GLU B 272 1.98 -19.25 -13.09
C GLU B 272 1.61 -18.57 -14.40
N ASP B 273 1.81 -17.25 -14.50
CA ASP B 273 1.37 -16.51 -15.68
C ASP B 273 2.36 -15.40 -16.03
N LYS B 274 3.13 -15.62 -17.09
CA LYS B 274 4.21 -14.72 -17.43
C LYS B 274 3.76 -13.42 -18.07
N SER B 275 2.51 -13.37 -18.53
CA SER B 275 2.01 -12.17 -19.17
C SER B 275 1.22 -11.34 -18.18
N GLN B 276 1.14 -11.82 -16.95
CA GLN B 276 0.31 -11.16 -15.95
C GLN B 276 1.04 -10.00 -15.27
N PHE B 277 0.51 -8.79 -15.44
CA PHE B 277 1.08 -7.63 -14.77
C PHE B 277 0.06 -6.72 -14.07
N ASP B 278 -1.11 -7.28 -13.76
CA ASP B 278 -2.09 -6.59 -12.93
C ASP B 278 -1.77 -6.78 -11.44
N LEU B 279 -1.21 -5.77 -10.79
CA LEU B 279 -0.85 -5.85 -9.39
C LEU B 279 -1.83 -6.62 -8.51
N ARG B 280 -3.11 -6.31 -8.65
CA ARG B 280 -4.14 -6.93 -7.81
C ARG B 280 -4.15 -8.45 -7.95
N LYS B 281 -3.82 -8.92 -9.15
CA LYS B 281 -3.73 -10.35 -9.38
C LYS B 281 -2.60 -10.97 -8.55
N PHE B 282 -1.55 -10.20 -8.29
CA PHE B 282 -0.47 -10.67 -7.41
C PHE B 282 -0.80 -10.56 -5.94
N PHE B 283 -1.50 -9.51 -5.54
CA PHE B 283 -1.58 -9.20 -4.10
C PHE B 283 -2.84 -9.66 -3.40
N SER B 284 -3.88 -9.95 -4.18
CA SER B 284 -5.11 -10.48 -3.62
C SER B 284 -4.88 -11.88 -3.04
N PRO B 285 -4.28 -12.79 -3.81
CA PRO B 285 -3.88 -14.09 -3.26
C PRO B 285 -2.89 -13.99 -2.08
N ALA B 286 -1.95 -13.04 -2.17
CA ALA B 286 -0.95 -12.88 -1.15
C ALA B 286 -1.52 -12.32 0.15
N GLN B 287 -2.50 -11.43 0.04
CA GLN B 287 -3.24 -10.94 1.19
C GLN B 287 -3.97 -12.12 1.85
N LEU B 288 -4.64 -12.92 1.02
CA LEU B 288 -5.42 -14.03 1.54
C LEU B 288 -4.58 -14.97 2.36
N ALA B 289 -3.37 -15.24 1.88
CA ALA B 289 -2.49 -16.20 2.56
C ALA B 289 -1.96 -15.62 3.86
N LEU B 290 -1.76 -14.32 3.85
CA LEU B 290 -1.28 -13.64 5.04
C LEU B 290 -2.39 -13.66 6.07
N LYS B 291 -3.59 -13.32 5.63
CA LYS B 291 -4.73 -13.25 6.52
C LYS B 291 -4.94 -14.58 7.22
N ASN B 292 -4.79 -15.67 6.47
CA ASN B 292 -4.96 -16.99 7.03
C ASN B 292 -3.86 -17.36 8.02
N VAL B 293 -2.64 -16.89 7.75
CA VAL B 293 -1.58 -17.12 8.72
C VAL B 293 -1.92 -16.37 10.00
N VAL B 294 -2.47 -15.16 9.88
CA VAL B 294 -2.80 -14.37 11.07
C VAL B 294 -3.98 -14.97 11.86
N LYS B 295 -4.99 -15.45 11.14
CA LYS B 295 -6.16 -16.00 11.82
C LYS B 295 -5.83 -17.26 12.61
N GLU B 296 -5.05 -18.17 12.02
CA GLU B 296 -4.63 -19.36 12.74
C GLU B 296 -3.81 -18.99 13.97
N ARG B 297 -2.86 -18.06 13.81
CA ARG B 297 -2.04 -17.65 14.95
C ARG B 297 -2.89 -17.04 16.06
N MET B 298 -3.92 -16.28 15.69
CA MET B 298 -4.79 -15.69 16.69
C MET B 298 -5.49 -16.76 17.52
N LYS B 299 -5.94 -17.80 16.83
CA LYS B 299 -6.59 -18.91 17.49
C LYS B 299 -5.59 -19.61 18.40
N LEU B 300 -4.40 -19.88 17.87
CA LEU B 300 -3.36 -20.58 18.62
C LEU B 300 -3.02 -19.92 19.97
N LEU B 301 -2.89 -18.59 19.95
CA LEU B 301 -2.48 -17.82 21.11
C LEU B 301 -3.61 -17.51 22.04
N GLY B 302 -4.85 -17.61 21.52
CA GLY B 302 -6.04 -17.38 22.32
C GLY B 302 -6.61 -15.97 22.34
N SER B 303 -6.19 -15.12 21.40
CA SER B 303 -6.76 -13.78 21.23
C SER B 303 -8.17 -13.88 20.67
N ALA B 304 -8.44 -15.01 20.01
CA ALA B 304 -9.71 -15.26 19.34
C ALA B 304 -10.93 -15.05 20.25
N ASN B 305 -11.94 -14.35 19.74
CA ASN B 305 -13.16 -14.11 20.50
C ASN B 305 -12.91 -13.41 21.83
N LYS B 306 -11.93 -12.52 21.86
CA LYS B 306 -11.67 -11.72 23.05
C LYS B 306 -12.14 -10.28 22.88
N ILE B 307 -12.72 -9.97 21.73
CA ILE B 307 -13.26 -8.63 21.49
C ILE B 307 -14.64 -8.44 22.13
#